data_4R2Z
#
_entry.id   4R2Z
#
_cell.length_a   31.256
_cell.length_b   89.214
_cell.length_c   33.809
_cell.angle_alpha   90.00
_cell.angle_beta   113.41
_cell.angle_gamma   90.00
#
_symmetry.space_group_name_H-M   'P 1 21 1'
#
loop_
_entity.id
_entity.type
_entity.pdbx_description
1 polymer 'Na(+)/H(+) exchange regulatory cofactor NHE-RF3'
2 non-polymer GLYCEROL
3 non-polymer 2-(2-METHOXYETHOXY)ETHANOL
4 water water
#
_entity_poly.entity_id   1
_entity_poly.type   'polypeptide(L)'
_entity_poly.pdbx_seq_one_letter_code
;GSKPKLCRLLKEDDSYGFHLNAIRGQPGSFVKEVQQGGPADKAGLENEDVIIEVNGENVQEEPYDRVVERIKSSGKHVTL
LVCGKMAQDTV
;
_entity_poly.pdbx_strand_id   A,B
#
# COMPACT_ATOMS: atom_id res chain seq x y z
N SER A 2 -13.62 -7.34 -11.34
CA SER A 2 -12.51 -8.28 -11.01
C SER A 2 -11.16 -7.58 -10.82
N LYS A 3 -10.94 -6.49 -11.56
CA LYS A 3 -9.63 -5.81 -11.59
C LYS A 3 -9.19 -5.29 -10.22
N PRO A 4 -7.88 -5.48 -9.89
CA PRO A 4 -7.32 -5.01 -8.62
C PRO A 4 -6.90 -3.56 -8.72
N LYS A 5 -7.08 -2.85 -7.63
CA LYS A 5 -6.85 -1.41 -7.58
C LYS A 5 -6.02 -1.17 -6.36
N LEU A 6 -4.91 -0.48 -6.55
CA LEU A 6 -4.06 -0.04 -5.46
C LEU A 6 -4.22 1.47 -5.31
N CYS A 7 -4.57 1.93 -4.10
CA CYS A 7 -4.68 3.38 -3.86
C CYS A 7 -4.26 3.82 -2.47
N ARG A 8 -3.99 5.12 -2.35
CA ARG A 8 -3.62 5.68 -1.06
C ARG A 8 -4.54 6.84 -0.87
N LEU A 9 -5.22 6.83 0.26
CA LEU A 9 -6.20 7.88 0.57
C LEU A 9 -5.69 8.83 1.63
N LEU A 10 -5.99 10.11 1.43
CA LEU A 10 -5.73 11.17 2.43
C LEU A 10 -7.06 11.53 3.08
N LYS A 11 -7.13 11.41 4.41
CA LYS A 11 -8.32 11.78 5.19
C LYS A 11 -8.69 13.26 4.92
N GLU A 12 -9.97 13.53 4.75
CA GLU A 12 -10.50 14.88 4.65
C GLU A 12 -11.71 14.94 5.52
N ASP A 13 -11.98 16.07 6.19
CA ASP A 13 -12.99 16.08 7.27
C ASP A 13 -12.90 14.86 8.19
N ASP A 14 -11.68 14.45 8.54
CA ASP A 14 -11.47 13.30 9.43
C ASP A 14 -12.13 11.99 8.92
N SER A 15 -12.23 11.84 7.60
CA SER A 15 -12.98 10.73 7.02
C SER A 15 -12.36 10.31 5.71
N TYR A 16 -12.47 9.02 5.36
CA TYR A 16 -12.16 8.61 4.01
C TYR A 16 -13.30 8.62 3.02
N GLY A 17 -14.50 8.91 3.50
CA GLY A 17 -15.67 9.08 2.62
C GLY A 17 -16.23 7.80 2.01
N PHE A 18 -16.19 6.73 2.80
CA PHE A 18 -16.79 5.46 2.41
C PHE A 18 -17.09 4.69 3.68
N HIS A 19 -17.91 3.68 3.54
CA HIS A 19 -18.17 2.69 4.61
C HIS A 19 -17.90 1.27 4.14
N LEU A 20 -17.78 0.39 5.11
CA LEU A 20 -17.67 -1.07 4.84
C LEU A 20 -18.88 -1.84 5.40
N ASN A 21 -19.24 -2.93 4.68
CA ASN A 21 -20.20 -3.89 5.13
C ASN A 21 -19.63 -5.33 4.93
N ALA A 22 -20.35 -6.27 5.54
CA ALA A 22 -20.12 -7.69 5.42
C ALA A 22 -21.33 -8.34 4.75
N ILE A 23 -21.10 -9.56 4.26
CA ILE A 23 -22.14 -10.42 3.70
C ILE A 23 -22.33 -11.55 4.72
N ARG A 24 -23.58 -11.86 5.02
CA ARG A 24 -23.87 -12.99 5.91
C ARG A 24 -23.32 -14.27 5.33
N GLY A 25 -22.68 -15.08 6.17
CA GLY A 25 -22.19 -16.39 5.73
C GLY A 25 -20.82 -16.47 5.08
N GLN A 26 -20.14 -15.34 4.89
CA GLN A 26 -18.84 -15.37 4.34
C GLN A 26 -18.01 -14.28 5.02
N PRO A 27 -16.69 -14.50 5.12
CA PRO A 27 -15.80 -13.43 5.54
C PRO A 27 -15.68 -12.34 4.45
N GLY A 28 -15.08 -11.22 4.84
CA GLY A 28 -14.70 -10.20 3.90
C GLY A 28 -15.41 -8.88 4.12
N SER A 29 -14.84 -7.83 3.52
CA SER A 29 -15.27 -6.45 3.71
C SER A 29 -15.46 -5.80 2.36
N PHE A 30 -16.59 -5.18 2.17
CA PHE A 30 -17.01 -4.61 0.89
C PHE A 30 -17.32 -3.12 1.07
N VAL A 31 -16.95 -2.30 0.10
CA VAL A 31 -17.16 -0.84 0.10
C VAL A 31 -18.61 -0.55 -0.21
N LYS A 32 -19.13 0.42 0.51
CA LYS A 32 -20.42 1.03 0.21
C LYS A 32 -20.39 2.52 0.51
N GLU A 33 -21.41 3.25 0.05
CA GLU A 33 -21.59 4.63 0.47
C GLU A 33 -20.40 5.52 0.23
N VAL A 34 -19.91 5.46 -1.01
CA VAL A 34 -18.75 6.28 -1.42
C VAL A 34 -19.25 7.70 -1.66
N GLN A 35 -18.81 8.65 -0.84
CA GLN A 35 -19.24 10.03 -0.91
C GLN A 35 -18.71 10.64 -2.14
N GLN A 36 -19.61 11.19 -2.92
CA GLN A 36 -19.17 11.88 -4.14
C GLN A 36 -18.16 12.99 -3.83
N GLY A 37 -17.05 12.90 -4.52
CA GLY A 37 -15.93 13.85 -4.40
C GLY A 37 -15.10 13.71 -3.16
N GLY A 38 -15.37 12.66 -2.36
CA GLY A 38 -14.56 12.38 -1.18
C GLY A 38 -13.29 11.60 -1.53
N PRO A 39 -12.50 11.28 -0.52
CA PRO A 39 -11.17 10.67 -0.77
C PRO A 39 -11.22 9.32 -1.53
N ALA A 40 -12.10 8.43 -1.06
CA ALA A 40 -12.33 7.16 -1.71
C ALA A 40 -12.79 7.33 -3.17
N ASP A 41 -13.72 8.26 -3.41
CA ASP A 41 -14.28 8.47 -4.72
C ASP A 41 -13.19 8.96 -5.73
N LYS A 42 -12.31 9.81 -5.24
CA LYS A 42 -11.25 10.39 -6.06
C LYS A 42 -10.31 9.29 -6.53
N ALA A 43 -10.22 8.24 -5.71
CA ALA A 43 -9.37 7.08 -5.99
C ALA A 43 -10.09 5.97 -6.79
N GLY A 44 -11.33 6.22 -7.18
CA GLY A 44 -12.14 5.33 -8.00
C GLY A 44 -12.71 4.12 -7.30
N LEU A 45 -12.86 4.18 -5.96
CA LEU A 45 -13.47 3.06 -5.25
C LEU A 45 -14.92 3.10 -5.55
N GLU A 46 -15.48 1.91 -5.69
CA GLU A 46 -16.85 1.76 -6.03
C GLU A 46 -17.49 0.83 -5.06
N ASN A 47 -18.80 0.99 -4.92
CA ASN A 47 -19.55 0.10 -4.11
C ASN A 47 -19.35 -1.37 -4.57
N GLU A 48 -19.29 -2.24 -3.57
CA GLU A 48 -18.99 -3.69 -3.68
C GLU A 48 -17.57 -4.05 -4.06
N ASP A 49 -16.69 -3.07 -4.18
CA ASP A 49 -15.24 -3.33 -4.18
C ASP A 49 -14.90 -4.05 -2.89
N VAL A 50 -14.05 -5.05 -3.03
CA VAL A 50 -13.66 -5.87 -1.91
C VAL A 50 -12.27 -5.45 -1.40
N ILE A 51 -12.13 -5.29 -0.09
CA ILE A 51 -10.84 -4.94 0.54
C ILE A 51 -9.95 -6.17 0.65
N ILE A 52 -8.81 -6.07 -0.03
CA ILE A 52 -7.82 -7.18 -0.01
C ILE A 52 -6.73 -6.98 1.05
N GLU A 53 -6.07 -5.81 0.98
CA GLU A 53 -5.02 -5.41 1.90
C GLU A 53 -5.22 -4.00 2.40
N VAL A 54 -4.95 -3.81 3.69
CA VAL A 54 -4.88 -2.49 4.29
C VAL A 54 -3.41 -2.32 4.69
N ASN A 55 -2.75 -1.30 4.14
CA ASN A 55 -1.33 -1.06 4.43
C ASN A 55 -0.52 -2.33 4.26
N GLY A 56 -0.80 -3.03 3.16
CA GLY A 56 0.02 -4.18 2.78
C GLY A 56 -0.29 -5.46 3.49
N GLU A 57 -1.25 -5.42 4.39
CA GLU A 57 -1.63 -6.61 5.17
C GLU A 57 -2.93 -7.18 4.67
N ASN A 58 -2.94 -8.49 4.38
CA ASN A 58 -4.18 -9.11 3.89
C ASN A 58 -5.23 -9.16 4.97
N VAL A 59 -6.41 -8.65 4.65
CA VAL A 59 -7.53 -8.59 5.63
C VAL A 59 -8.76 -9.41 5.22
N GLN A 60 -8.60 -10.28 4.24
CA GLN A 60 -9.73 -11.01 3.67
C GLN A 60 -10.38 -11.96 4.68
N GLU A 61 -9.65 -12.41 5.69
CA GLU A 61 -10.22 -13.30 6.70
C GLU A 61 -10.66 -12.54 7.95
N GLU A 62 -10.63 -11.21 7.89
CA GLU A 62 -10.92 -10.37 9.05
C GLU A 62 -12.36 -9.89 8.93
N PRO A 63 -13.18 -9.99 10.01
CA PRO A 63 -14.47 -9.34 9.93
C PRO A 63 -14.35 -7.87 9.68
N TYR A 64 -15.35 -7.35 8.97
CA TYR A 64 -15.27 -5.99 8.47
C TYR A 64 -15.11 -5.00 9.61
N ASP A 65 -15.64 -5.27 10.82
CA ASP A 65 -15.47 -4.29 11.91
C ASP A 65 -14.00 -4.15 12.32
N ARG A 66 -13.24 -5.21 12.16
CA ARG A 66 -11.79 -5.22 12.47
CA ARG A 66 -11.82 -5.19 12.48
C ARG A 66 -11.04 -4.43 11.42
N VAL A 67 -11.52 -4.52 10.17
CA VAL A 67 -10.95 -3.79 9.05
C VAL A 67 -11.25 -2.31 9.22
N VAL A 68 -12.49 -1.97 9.62
CA VAL A 68 -12.79 -0.59 9.93
C VAL A 68 -11.83 -0.06 10.98
N GLU A 69 -11.56 -0.84 12.04
CA GLU A 69 -10.67 -0.40 13.12
C GLU A 69 -9.25 -0.23 12.61
N ARG A 70 -8.77 -1.14 11.77
CA ARG A 70 -7.46 -1.00 11.12
C ARG A 70 -7.30 0.30 10.34
N ILE A 71 -8.30 0.62 9.54
CA ILE A 71 -8.30 1.83 8.70
C ILE A 71 -8.32 3.04 9.62
N LYS A 72 -9.15 3.02 10.65
CA LYS A 72 -9.20 4.16 11.59
C LYS A 72 -7.87 4.42 12.25
N SER A 73 -7.26 3.34 12.71
CA SER A 73 -5.96 3.34 13.37
C SER A 73 -4.81 3.73 12.40
N SER A 74 -5.08 3.87 11.11
CA SER A 74 -3.98 4.13 10.13
C SER A 74 -3.46 5.58 10.15
N GLY A 75 -4.25 6.50 10.70
CA GLY A 75 -3.79 7.86 10.85
C GLY A 75 -4.39 8.71 9.74
N LYS A 76 -3.58 9.62 9.16
CA LYS A 76 -4.13 10.59 8.18
C LYS A 76 -4.14 10.08 6.74
N HIS A 77 -3.40 9.00 6.48
N HIS A 77 -3.53 8.93 6.52
CA HIS A 77 -3.44 8.30 5.21
CA HIS A 77 -3.58 8.32 5.23
C HIS A 77 -3.75 6.82 5.43
C HIS A 77 -3.61 6.80 5.37
N VAL A 78 -4.17 6.17 4.35
CA VAL A 78 -4.32 4.68 4.32
C VAL A 78 -4.09 4.18 2.89
N THR A 79 -3.36 3.06 2.79
CA THR A 79 -3.14 2.42 1.51
C THR A 79 -4.02 1.18 1.46
N LEU A 80 -4.77 1.02 0.37
CA LEU A 80 -5.66 -0.05 0.18
C LEU A 80 -5.42 -0.76 -1.18
N LEU A 81 -5.50 -2.10 -1.15
CA LEU A 81 -5.58 -2.93 -2.37
C LEU A 81 -7.02 -3.46 -2.34
N VAL A 82 -7.73 -3.22 -3.41
CA VAL A 82 -9.14 -3.59 -3.53
C VAL A 82 -9.35 -4.36 -4.83
N CYS A 83 -10.36 -5.22 -4.86
CA CYS A 83 -10.71 -5.89 -6.08
C CYS A 83 -12.15 -5.52 -6.39
N GLY A 84 -12.40 -5.03 -7.60
CA GLY A 84 -13.78 -4.79 -8.04
C GLY A 84 -14.44 -6.14 -8.25
N LYS A 85 -15.77 -6.17 -8.36
CA LYS A 85 -16.47 -7.44 -8.57
C LYS A 85 -17.32 -7.45 -9.84
N PRO B 4 4.73 11.02 -7.45
CA PRO B 4 4.79 9.79 -6.63
C PRO B 4 4.32 8.53 -7.33
N LYS B 5 4.81 7.41 -6.84
CA LYS B 5 4.51 6.15 -7.46
C LYS B 5 4.10 5.29 -6.32
N LEU B 6 2.91 4.69 -6.44
CA LEU B 6 2.50 3.72 -5.49
C LEU B 6 2.52 2.40 -6.24
N CYS B 7 3.19 1.41 -5.70
CA CYS B 7 3.22 0.10 -6.36
C CYS B 7 3.26 -1.05 -5.38
N ARG B 8 2.90 -2.22 -5.89
CA ARG B 8 2.93 -3.43 -5.11
C ARG B 8 3.72 -4.40 -5.91
N LEU B 9 4.76 -4.95 -5.31
CA LEU B 9 5.65 -5.89 -6.00
C LEU B 9 5.44 -7.33 -5.52
N LEU B 10 5.52 -8.27 -6.46
CA LEU B 10 5.52 -9.70 -6.18
C LEU B 10 6.95 -10.19 -6.32
N LYS B 11 7.45 -10.90 -5.33
CA LYS B 11 8.78 -11.47 -5.39
C LYS B 11 8.89 -12.46 -6.55
N GLU B 12 10.01 -12.41 -7.26
CA GLU B 12 10.39 -13.41 -8.26
C GLU B 12 11.83 -13.82 -7.96
N ASP B 13 12.17 -15.12 -8.09
CA ASP B 13 13.51 -15.54 -7.65
C ASP B 13 13.80 -15.08 -6.22
N ASP B 14 12.76 -15.07 -5.37
CA ASP B 14 12.94 -14.72 -3.96
C ASP B 14 13.56 -13.31 -3.82
N SER B 15 13.26 -12.45 -4.79
CA SER B 15 13.81 -11.10 -4.87
C SER B 15 12.81 -10.09 -5.49
N TYR B 16 12.96 -8.81 -5.12
CA TYR B 16 12.21 -7.73 -5.80
C TYR B 16 12.97 -7.06 -6.90
N GLY B 17 14.22 -7.43 -7.12
CA GLY B 17 14.91 -6.97 -8.35
C GLY B 17 15.35 -5.53 -8.23
N PHE B 18 15.66 -5.14 -7.02
CA PHE B 18 16.33 -3.81 -6.78
C PHE B 18 17.10 -3.87 -5.49
N HIS B 19 17.97 -2.88 -5.30
CA HIS B 19 18.64 -2.67 -4.05
C HIS B 19 18.43 -1.25 -3.55
N LEU B 20 18.86 -1.04 -2.33
CA LEU B 20 18.78 0.26 -1.66
C LEU B 20 20.16 0.78 -1.22
N ASN B 21 20.37 2.10 -1.31
CA ASN B 21 21.54 2.74 -0.72
C ASN B 21 21.10 3.96 0.08
N ALA B 22 22.05 4.42 0.88
CA ALA B 22 21.91 5.60 1.66
C ALA B 22 22.84 6.67 1.05
N ILE B 23 22.61 7.90 1.49
CA ILE B 23 23.48 9.04 1.15
C ILE B 23 24.14 9.47 2.45
N ARG B 24 25.47 9.58 2.42
CA ARG B 24 26.21 10.01 3.55
C ARG B 24 25.69 11.38 4.05
N GLY B 25 25.51 11.48 5.36
CA GLY B 25 25.09 12.73 6.02
C GLY B 25 23.61 13.08 6.04
N GLN B 26 22.75 12.14 5.63
CA GLN B 26 21.34 12.44 5.56
C GLN B 26 20.52 11.19 5.70
N PRO B 27 19.27 11.34 6.22
CA PRO B 27 18.37 10.20 6.26
C PRO B 27 17.84 9.90 4.88
N GLY B 28 17.30 8.71 4.74
CA GLY B 28 16.64 8.31 3.51
C GLY B 28 17.23 7.04 2.90
N SER B 29 16.36 6.37 2.15
CA SER B 29 16.67 5.14 1.40
C SER B 29 16.34 5.35 -0.06
N PHE B 30 17.26 4.98 -0.97
CA PHE B 30 17.14 5.33 -2.39
C PHE B 30 17.34 4.06 -3.25
N VAL B 31 16.55 3.89 -4.30
CA VAL B 31 16.59 2.71 -5.19
C VAL B 31 17.85 2.75 -6.04
N LYS B 32 18.45 1.59 -6.25
CA LYS B 32 19.55 1.40 -7.19
C LYS B 32 19.47 0.01 -7.75
N GLU B 33 20.17 -0.23 -8.86
CA GLU B 33 20.33 -1.58 -9.40
C GLU B 33 19.00 -2.31 -9.67
N VAL B 34 18.14 -1.62 -10.44
CA VAL B 34 16.85 -2.22 -10.83
C VAL B 34 17.11 -3.24 -11.95
N GLN B 35 16.91 -4.53 -11.65
CA GLN B 35 17.07 -5.61 -12.62
C GLN B 35 16.11 -5.48 -13.77
N GLN B 36 16.64 -5.51 -14.97
CA GLN B 36 15.83 -5.35 -16.15
C GLN B 36 14.86 -6.49 -16.22
N GLY B 37 13.58 -6.14 -16.33
CA GLY B 37 12.55 -7.14 -16.43
C GLY B 37 12.05 -7.64 -15.11
N GLY B 38 12.66 -7.22 -14.00
CA GLY B 38 12.29 -7.70 -12.67
C GLY B 38 11.07 -6.98 -12.11
N PRO B 39 10.67 -7.32 -10.90
CA PRO B 39 9.46 -6.72 -10.29
C PRO B 39 9.50 -5.20 -10.18
N ALA B 40 10.60 -4.65 -9.64
CA ALA B 40 10.73 -3.22 -9.52
C ALA B 40 10.67 -2.56 -10.91
N ASP B 41 11.38 -3.13 -11.89
CA ASP B 41 11.40 -2.58 -13.26
C ASP B 41 9.96 -2.52 -13.87
N LYS B 42 9.22 -3.60 -13.66
CA LYS B 42 7.83 -3.69 -14.11
C LYS B 42 6.99 -2.59 -13.51
N ALA B 43 7.35 -2.21 -12.27
CA ALA B 43 6.66 -1.17 -11.54
C ALA B 43 7.13 0.25 -11.86
N GLY B 44 8.15 0.38 -12.70
CA GLY B 44 8.69 1.68 -13.09
C GLY B 44 9.56 2.33 -12.04
N LEU B 45 10.10 1.54 -11.09
CA LEU B 45 11.07 2.08 -10.14
C LEU B 45 12.34 2.36 -10.90
N GLU B 46 13.05 3.44 -10.53
CA GLU B 46 14.25 3.84 -11.22
C GLU B 46 15.28 4.25 -10.17
N ASN B 47 16.54 4.17 -10.55
CA ASN B 47 17.62 4.72 -9.72
C ASN B 47 17.29 6.05 -9.10
N GLU B 48 17.62 6.16 -7.83
CA GLU B 48 17.48 7.38 -7.08
C GLU B 48 16.03 7.67 -6.67
N ASP B 49 15.07 6.77 -7.00
CA ASP B 49 13.73 6.90 -6.38
C ASP B 49 13.87 6.80 -4.89
N VAL B 50 13.16 7.65 -4.13
CA VAL B 50 13.30 7.61 -2.68
C VAL B 50 12.16 6.80 -2.08
N ILE B 51 12.44 5.94 -1.09
CA ILE B 51 11.36 5.20 -0.40
C ILE B 51 10.70 6.10 0.65
N ILE B 52 9.40 6.33 0.49
CA ILE B 52 8.58 7.16 1.39
C ILE B 52 7.84 6.26 2.40
N GLU B 53 7.09 5.24 1.92
CA GLU B 53 6.39 4.29 2.75
C GLU B 53 6.60 2.85 2.33
N VAL B 54 6.80 1.96 3.31
CA VAL B 54 6.73 0.52 3.10
C VAL B 54 5.46 0.03 3.78
N ASN B 55 4.61 -0.61 2.98
CA ASN B 55 3.34 -1.15 3.49
C ASN B 55 2.57 -0.10 4.33
N GLY B 56 2.55 1.11 3.78
CA GLY B 56 1.80 2.21 4.35
C GLY B 56 2.43 2.89 5.55
N GLU B 57 3.65 2.49 5.91
CA GLU B 57 4.35 3.09 7.06
C GLU B 57 5.44 3.93 6.54
N ASN B 58 5.45 5.20 6.95
CA ASN B 58 6.54 6.11 6.61
C ASN B 58 7.88 5.63 7.20
N VAL B 59 8.87 5.52 6.31
CA VAL B 59 10.21 4.99 6.66
C VAL B 59 11.29 6.01 6.35
N GLN B 60 10.90 7.26 6.23
CA GLN B 60 11.86 8.30 5.85
C GLN B 60 12.94 8.63 6.86
N GLU B 61 12.65 8.44 8.15
CA GLU B 61 13.61 8.68 9.23
C GLU B 61 14.23 7.39 9.77
N GLU B 62 13.97 6.27 9.11
CA GLU B 62 14.55 5.01 9.50
C GLU B 62 15.81 4.73 8.70
N PRO B 63 16.84 4.14 9.37
CA PRO B 63 18.08 3.78 8.68
C PRO B 63 17.82 2.79 7.58
N TYR B 64 18.56 2.90 6.47
CA TYR B 64 18.23 2.11 5.29
C TYR B 64 18.34 0.60 5.56
N ASP B 65 19.09 0.19 6.60
CA ASP B 65 19.15 -1.24 6.90
C ASP B 65 17.86 -1.72 7.59
N ARG B 66 17.26 -0.86 8.39
CA ARG B 66 15.90 -1.06 8.91
C ARG B 66 14.83 -1.06 7.76
N VAL B 67 15.02 -0.27 6.70
CA VAL B 67 14.07 -0.30 5.58
C VAL B 67 14.30 -1.57 4.80
N VAL B 68 15.55 -2.01 4.72
CA VAL B 68 15.84 -3.26 4.03
C VAL B 68 15.15 -4.42 4.74
N GLU B 69 15.29 -4.47 6.05
CA GLU B 69 14.71 -5.56 6.84
C GLU B 69 13.20 -5.57 6.64
N ARG B 70 12.62 -4.38 6.80
CA ARG B 70 11.19 -4.18 6.61
C ARG B 70 10.66 -4.79 5.30
N ILE B 71 11.38 -4.54 4.21
CA ILE B 71 11.02 -5.06 2.88
C ILE B 71 11.19 -6.58 2.86
N LYS B 72 12.35 -7.03 3.32
CA LYS B 72 12.63 -8.47 3.49
C LYS B 72 11.56 -9.17 4.28
N SER B 73 11.13 -8.58 5.39
CA SER B 73 10.12 -9.19 6.26
C SER B 73 8.70 -9.20 5.70
N SER B 74 8.48 -8.51 4.58
CA SER B 74 7.12 -8.32 4.08
C SER B 74 6.51 -9.60 3.46
N GLY B 75 7.35 -10.59 3.15
CA GLY B 75 6.89 -11.85 2.59
C GLY B 75 6.90 -11.88 1.07
N LYS B 76 5.80 -12.36 0.50
CA LYS B 76 5.64 -12.58 -0.96
C LYS B 76 5.45 -11.30 -1.77
N HIS B 77 4.83 -10.33 -1.13
CA HIS B 77 4.49 -9.05 -1.74
CA HIS B 77 4.53 -9.06 -1.76
C HIS B 77 5.00 -7.92 -0.85
N VAL B 78 5.27 -6.77 -1.46
CA VAL B 78 5.50 -5.55 -0.69
C VAL B 78 4.85 -4.37 -1.42
N THR B 79 4.28 -3.45 -0.63
CA THR B 79 3.68 -2.24 -1.23
C THR B 79 4.61 -1.08 -0.90
N LEU B 80 4.95 -0.24 -1.89
CA LEU B 80 5.88 0.86 -1.69
C LEU B 80 5.29 2.18 -2.23
N LEU B 81 5.48 3.28 -1.52
CA LEU B 81 5.26 4.62 -2.05
C LEU B 81 6.64 5.18 -2.25
N VAL B 82 6.91 5.60 -3.45
CA VAL B 82 8.23 6.15 -3.79
C VAL B 82 8.10 7.45 -4.53
N CYS B 83 9.11 8.27 -4.41
CA CYS B 83 9.12 9.50 -5.12
CA CYS B 83 9.14 9.54 -5.09
C CYS B 83 10.44 9.66 -5.84
N GLY B 84 10.39 10.13 -7.09
CA GLY B 84 11.66 10.63 -7.70
C GLY B 84 11.88 12.05 -7.18
#